data_2A9H
#
_entry.id   2A9H
#
loop_
_entity.id
_entity.type
_entity.pdbx_description
1 polymer 'Voltage-gated potassium channel'
2 polymer charybdotoxin
#
loop_
_entity_poly.entity_id
_entity_poly.type
_entity_poly.pdbx_seq_one_letter_code
_entity_poly.pdbx_strand_id
1 'polypeptide(L)'
;MSGSHHHHHHSSGIEGRGRLIKHMPPMLSGLLARLVKLLLGRHGSALHWRAAGAATVLLVIVLLAGSYLAVLAERGAPGA
ALISYPDALWWSVETATTVGYGDLYPVTLWGRCVAVVVMVAGITSYGLVFAAVATWFVGREQERRGHFVRHSEKA
;
A,B,C,D
2 'polypeptide(L)' (PCA)FTNVSCTTSKECWSVCQRLHNTSRGKCMNKKCRCYS E
#
# COMPACT_ATOMS: atom_id res chain seq x y z
N ALA A 46 11.71 2.44 29.47
CA ALA A 46 12.40 2.03 28.21
C ALA A 46 11.73 0.82 27.59
N LEU A 47 11.27 0.97 26.35
CA LEU A 47 10.61 -0.10 25.64
C LEU A 47 10.24 0.32 24.21
N HIS A 48 9.70 1.53 24.09
CA HIS A 48 9.30 2.05 22.79
C HIS A 48 10.49 2.05 21.82
N TRP A 49 11.69 2.24 22.36
CA TRP A 49 12.90 2.25 21.55
C TRP A 49 13.31 0.85 21.15
N ARG A 50 13.65 0.03 22.15
CA ARG A 50 14.07 -1.34 21.90
C ARG A 50 13.00 -2.09 21.10
N ALA A 51 11.77 -2.05 21.59
CA ALA A 51 10.65 -2.73 20.92
C ALA A 51 10.64 -2.42 19.43
N ALA A 52 10.84 -1.14 19.09
CA ALA A 52 10.84 -0.71 17.70
C ALA A 52 12.09 -1.21 16.98
N GLY A 53 13.23 -1.09 17.63
CA GLY A 53 14.48 -1.54 17.03
C GLY A 53 14.50 -3.02 16.76
N ALA A 54 13.93 -3.80 17.68
CA ALA A 54 13.87 -5.25 17.53
C ALA A 54 12.85 -5.66 16.48
N ALA A 55 11.73 -4.93 16.44
CA ALA A 55 10.66 -5.22 15.49
C ALA A 55 11.23 -5.37 14.08
N THR A 56 12.19 -4.52 13.74
CA THR A 56 12.80 -4.55 12.42
C THR A 56 13.39 -5.93 12.12
N VAL A 57 13.93 -6.56 13.16
CA VAL A 57 14.52 -7.89 13.02
C VAL A 57 13.50 -8.91 12.54
N LEU A 58 12.33 -8.90 13.17
CA LEU A 58 11.26 -9.82 12.81
C LEU A 58 10.98 -9.78 11.31
N LEU A 59 10.60 -8.59 10.83
CA LEU A 59 10.30 -8.41 9.41
C LEU A 59 11.42 -8.96 8.54
N VAL A 60 12.66 -8.76 8.98
CA VAL A 60 13.82 -9.23 8.23
C VAL A 60 13.83 -10.75 8.14
N ILE A 61 13.60 -11.41 9.26
CA ILE A 61 13.57 -12.86 9.31
C ILE A 61 12.44 -13.42 8.46
N VAL A 62 11.20 -13.09 8.83
CA VAL A 62 10.04 -13.56 8.09
C VAL A 62 10.19 -13.32 6.60
N LEU A 63 10.89 -12.25 6.25
CA LEU A 63 11.11 -11.90 4.84
C LEU A 63 11.83 -13.03 4.12
N LEU A 64 13.06 -13.31 4.53
CA LEU A 64 13.86 -14.36 3.91
C LEU A 64 13.14 -15.70 3.99
N ALA A 65 12.74 -16.09 5.19
CA ALA A 65 12.04 -17.35 5.39
C ALA A 65 10.89 -17.52 4.39
N GLY A 66 9.92 -16.62 4.46
CA GLY A 66 8.79 -16.68 3.56
C GLY A 66 9.21 -16.83 2.11
N SER A 67 10.12 -15.97 1.66
CA SER A 67 10.60 -16.02 0.29
C SER A 67 11.01 -17.43 -0.09
N TYR A 68 11.93 -18.01 0.68
CA TYR A 68 12.41 -19.37 0.41
C TYR A 68 11.29 -20.38 0.60
N LEU A 69 10.41 -20.13 1.56
CA LEU A 69 9.29 -21.03 1.83
C LEU A 69 8.36 -21.11 0.63
N ALA A 70 8.02 -19.95 0.07
CA ALA A 70 7.13 -19.89 -1.09
C ALA A 70 7.84 -20.40 -2.34
N VAL A 71 9.09 -19.97 -2.52
CA VAL A 71 9.87 -20.38 -3.69
C VAL A 71 9.78 -21.90 -3.90
N LEU A 72 10.20 -22.65 -2.89
CA LEU A 72 10.16 -24.11 -2.97
C LEU A 72 8.82 -24.61 -3.49
N ALA A 73 7.77 -23.87 -3.19
CA ALA A 73 6.42 -24.23 -3.62
C ALA A 73 6.11 -23.65 -5.01
N GLU A 74 6.00 -22.33 -5.07
CA GLU A 74 5.71 -21.65 -6.33
C GLU A 74 6.62 -22.15 -7.45
N ARG A 75 7.84 -22.55 -7.08
CA ARG A 75 8.80 -23.05 -8.05
C ARG A 75 8.17 -24.10 -8.95
N GLY A 76 7.45 -25.04 -8.34
CA GLY A 76 6.81 -26.10 -9.10
C GLY A 76 5.30 -25.94 -9.14
N ALA A 77 4.85 -24.75 -9.48
CA ALA A 77 3.41 -24.47 -9.56
C ALA A 77 3.13 -23.28 -10.46
N PRO A 78 1.87 -23.14 -10.92
CA PRO A 78 1.47 -22.04 -11.80
C PRO A 78 1.46 -20.70 -11.07
N GLY A 79 2.60 -20.03 -11.06
CA GLY A 79 2.70 -18.75 -10.39
C GLY A 79 3.23 -17.66 -11.31
N ALA A 80 3.49 -16.48 -10.74
CA ALA A 80 4.00 -15.35 -11.52
C ALA A 80 5.46 -15.57 -11.88
N ALA A 81 6.34 -15.48 -10.88
CA ALA A 81 7.76 -15.66 -11.08
C ALA A 81 8.49 -15.90 -9.76
N LEU A 82 7.79 -16.53 -8.82
CA LEU A 82 8.37 -16.83 -7.52
C LEU A 82 9.00 -18.22 -7.51
N ILE A 83 9.85 -18.49 -8.49
CA ILE A 83 10.52 -19.78 -8.59
C ILE A 83 11.92 -19.72 -7.98
N SER A 84 12.55 -18.56 -8.08
CA SER A 84 13.89 -18.37 -7.53
C SER A 84 13.87 -17.37 -6.38
N TYR A 85 14.87 -17.47 -5.50
CA TYR A 85 14.96 -16.56 -4.35
C TYR A 85 15.31 -15.14 -4.78
N PRO A 86 16.32 -14.97 -5.65
CA PRO A 86 16.72 -13.63 -6.13
C PRO A 86 15.52 -12.79 -6.54
N ASP A 87 14.46 -13.45 -7.00
CA ASP A 87 13.25 -12.75 -7.42
C ASP A 87 12.20 -12.76 -6.32
N ALA A 88 12.00 -13.93 -5.71
CA ALA A 88 11.02 -14.06 -4.64
C ALA A 88 11.34 -13.12 -3.48
N LEU A 89 12.60 -13.13 -3.04
CA LEU A 89 13.03 -12.27 -1.94
C LEU A 89 12.56 -10.84 -2.16
N TRP A 90 12.67 -10.36 -3.40
CA TRP A 90 12.26 -9.00 -3.73
C TRP A 90 10.76 -8.83 -3.55
N TRP A 91 10.00 -9.87 -3.88
CA TRP A 91 8.55 -9.85 -3.74
C TRP A 91 8.13 -9.75 -2.27
N SER A 92 8.84 -10.49 -1.43
CA SER A 92 8.55 -10.50 0.00
C SER A 92 8.75 -9.11 0.61
N VAL A 93 9.85 -8.46 0.21
CA VAL A 93 10.17 -7.13 0.71
C VAL A 93 9.01 -6.16 0.46
N GLU A 94 8.55 -6.13 -0.78
CA GLU A 94 7.45 -5.24 -1.15
C GLU A 94 6.17 -5.62 -0.39
N THR A 95 5.86 -6.90 -0.36
CA THR A 95 4.67 -7.38 0.34
C THR A 95 4.72 -7.01 1.82
N ALA A 96 5.93 -6.98 2.37
CA ALA A 96 6.11 -6.64 3.77
C ALA A 96 5.86 -5.15 4.02
N THR A 97 6.14 -4.33 3.01
CA THR A 97 5.95 -2.90 3.12
C THR A 97 4.63 -2.47 2.50
N THR A 98 3.65 -3.37 2.52
CA THR A 98 2.33 -3.09 1.94
C THR A 98 2.45 -2.49 0.55
N VAL A 99 3.49 -2.90 -0.18
CA VAL A 99 3.73 -2.40 -1.52
C VAL A 99 3.03 -3.28 -2.56
N GLY A 100 3.60 -4.45 -2.80
CA GLY A 100 3.02 -5.37 -3.77
C GLY A 100 2.88 -4.74 -5.14
N TYR A 101 4.00 -4.52 -5.80
CA TYR A 101 3.99 -3.92 -7.13
C TYR A 101 3.00 -4.62 -8.04
N GLY A 102 3.16 -5.93 -8.20
CA GLY A 102 2.26 -6.70 -9.04
C GLY A 102 3.01 -7.63 -9.97
N ASP A 103 4.20 -7.23 -10.39
CA ASP A 103 5.01 -8.04 -11.29
C ASP A 103 5.14 -9.47 -10.77
N LEU A 104 5.56 -9.59 -9.51
CA LEU A 104 5.73 -10.90 -8.89
C LEU A 104 4.70 -11.11 -7.78
N TYR A 105 3.65 -11.86 -8.07
CA TYR A 105 2.60 -12.13 -7.09
C TYR A 105 2.39 -13.63 -6.93
N PRO A 106 1.96 -14.06 -5.73
CA PRO A 106 1.71 -15.48 -5.44
C PRO A 106 0.44 -15.99 -6.09
N VAL A 107 0.34 -17.30 -6.24
CA VAL A 107 -0.83 -17.92 -6.85
C VAL A 107 -1.23 -19.20 -6.11
N THR A 108 -0.25 -20.06 -5.86
CA THR A 108 -0.49 -21.32 -5.16
C THR A 108 -0.71 -21.06 -3.67
N LEU A 109 -1.33 -22.04 -3.00
CA LEU A 109 -1.59 -21.92 -1.57
C LEU A 109 -0.35 -21.48 -0.81
N TRP A 110 0.71 -22.27 -0.93
CA TRP A 110 1.97 -21.96 -0.26
C TRP A 110 2.43 -20.55 -0.60
N GLY A 111 2.62 -20.29 -1.89
CA GLY A 111 3.07 -18.98 -2.34
C GLY A 111 2.23 -17.86 -1.74
N ARG A 112 0.91 -18.03 -1.75
CA ARG A 112 0.00 -17.04 -1.20
C ARG A 112 0.13 -16.95 0.31
N CYS A 113 0.27 -18.12 0.95
CA CYS A 113 0.40 -18.17 2.41
C CYS A 113 1.57 -17.30 2.88
N VAL A 114 2.66 -17.33 2.13
CA VAL A 114 3.84 -16.54 2.47
C VAL A 114 3.53 -15.05 2.46
N ALA A 115 2.79 -14.62 1.44
CA ALA A 115 2.42 -13.21 1.30
C ALA A 115 1.75 -12.70 2.58
N VAL A 116 0.77 -13.45 3.08
CA VAL A 116 0.06 -13.08 4.29
C VAL A 116 0.99 -13.12 5.51
N VAL A 117 1.81 -14.15 5.57
CA VAL A 117 2.75 -14.31 6.69
C VAL A 117 3.76 -13.17 6.72
N VAL A 118 4.25 -12.80 5.54
CA VAL A 118 5.23 -11.71 5.43
C VAL A 118 4.56 -10.35 5.65
N MET A 119 3.30 -10.25 5.25
CA MET A 119 2.55 -9.00 5.40
C MET A 119 2.39 -8.64 6.88
N VAL A 120 1.91 -9.60 7.67
CA VAL A 120 1.71 -9.38 9.10
C VAL A 120 3.03 -9.06 9.79
N ALA A 121 4.09 -9.71 9.36
CA ALA A 121 5.42 -9.49 9.94
C ALA A 121 5.95 -8.12 9.57
N GLY A 122 5.82 -7.76 8.29
CA GLY A 122 6.30 -6.47 7.85
C GLY A 122 5.57 -5.31 8.50
N ILE A 123 4.25 -5.45 8.62
CA ILE A 123 3.42 -4.42 9.23
C ILE A 123 3.70 -4.30 10.72
N THR A 124 3.80 -5.45 11.38
CA THR A 124 4.07 -5.49 12.82
C THR A 124 5.36 -4.75 13.14
N SER A 125 6.42 -5.05 12.40
CA SER A 125 7.72 -4.42 12.61
C SER A 125 7.63 -2.92 12.33
N TYR A 126 6.91 -2.55 11.27
CA TYR A 126 6.75 -1.16 10.91
C TYR A 126 5.87 -0.42 11.91
N GLY A 127 4.85 -1.12 12.41
CA GLY A 127 3.95 -0.51 13.38
C GLY A 127 4.66 -0.06 14.63
N LEU A 128 5.45 -0.96 15.22
CA LEU A 128 6.18 -0.65 16.44
C LEU A 128 6.97 0.65 16.27
N VAL A 129 7.46 0.89 15.06
CA VAL A 129 8.23 2.09 14.77
C VAL A 129 7.35 3.33 14.79
N PHE A 130 6.16 3.21 14.20
CA PHE A 130 5.22 4.32 14.14
C PHE A 130 4.78 4.73 15.55
N ALA A 131 4.56 3.73 16.39
CA ALA A 131 4.13 3.99 17.77
C ALA A 131 5.32 4.39 18.64
N ALA A 132 6.48 3.81 18.35
CA ALA A 132 7.70 4.11 19.10
C ALA A 132 7.98 5.61 19.11
N VAL A 133 7.88 6.23 17.94
CA VAL A 133 8.12 7.65 17.82
C VAL A 133 7.09 8.46 18.61
N ALA A 134 5.87 7.96 18.65
CA ALA A 134 4.80 8.62 19.39
C ALA A 134 5.11 8.70 20.88
N THR A 135 5.57 7.59 21.44
CA THR A 135 5.91 7.54 22.85
C THR A 135 7.00 8.55 23.19
N TRP A 136 8.06 8.57 22.39
CA TRP A 136 9.17 9.49 22.60
C TRP A 136 8.75 10.92 22.27
N PHE A 137 7.84 11.07 21.32
CA PHE A 137 7.35 12.38 20.93
C PHE A 137 6.66 13.08 22.08
N VAL A 138 6.03 12.30 22.95
CA VAL A 138 5.34 12.84 24.11
C VAL A 138 6.31 13.32 25.17
N GLY A 139 7.47 12.68 25.24
CA GLY A 139 8.47 13.04 26.22
C GLY A 139 9.48 14.03 25.67
N ARG A 140 9.02 15.24 25.35
CA ARG A 140 9.89 16.27 24.81
C ARG A 140 9.21 17.64 24.87
N GLU A 141 8.45 17.88 25.93
CA GLU A 141 7.74 19.14 26.10
C GLU A 141 8.68 20.33 25.85
N GLN A 142 9.88 20.26 26.43
CA GLN A 142 10.85 21.32 26.27
C GLN A 142 11.75 21.07 25.05
N ALA B 46 8.84 20.99 22.59
CA ALA B 46 8.30 20.69 21.23
C ALA B 46 9.20 19.70 20.50
N LEU B 47 8.60 18.90 19.61
CA LEU B 47 9.33 17.91 18.84
C LEU B 47 8.43 17.18 17.88
N HIS B 48 7.25 16.77 18.37
CA HIS B 48 6.28 16.06 17.54
C HIS B 48 5.93 16.87 16.29
N TRP B 49 5.96 18.19 16.43
CA TRP B 49 5.64 19.08 15.31
C TRP B 49 6.81 19.16 14.33
N ARG B 50 7.94 19.69 14.80
CA ARG B 50 9.12 19.82 13.97
C ARG B 50 9.53 18.48 13.37
N ALA B 51 9.66 17.48 14.24
CA ALA B 51 10.04 16.14 13.80
C ALA B 51 9.20 15.68 12.61
N ALA B 52 7.90 15.93 12.69
CA ALA B 52 6.98 15.55 11.61
C ALA B 52 7.19 16.42 10.39
N GLY B 53 7.31 17.72 10.61
CA GLY B 53 7.50 18.65 9.51
C GLY B 53 8.80 18.39 8.75
N ALA B 54 9.85 18.05 9.48
CA ALA B 54 11.14 17.77 8.87
C ALA B 54 11.14 16.42 8.16
N ALA B 55 10.45 15.45 8.76
CA ALA B 55 10.37 14.12 8.18
C ALA B 55 9.98 14.18 6.70
N THR B 56 9.07 15.08 6.38
CA THR B 56 8.61 15.23 5.00
C THR B 56 9.79 15.52 4.07
N VAL B 57 10.76 16.27 4.57
CA VAL B 57 11.94 16.63 3.79
C VAL B 57 12.72 15.38 3.37
N LEU B 58 12.93 14.47 4.32
CA LEU B 58 13.66 13.23 4.05
C LEU B 58 13.06 12.50 2.86
N LEU B 59 11.78 12.15 2.97
CA LEU B 59 11.09 11.44 1.90
C LEU B 59 11.29 12.15 0.56
N VAL B 60 11.26 13.48 0.59
CA VAL B 60 11.43 14.27 -0.61
C VAL B 60 12.81 14.06 -1.23
N ILE B 61 13.83 14.11 -0.39
CA ILE B 61 15.20 13.92 -0.85
C ILE B 61 15.41 12.51 -1.40
N VAL B 62 15.24 11.51 -0.54
CA VAL B 62 15.40 10.12 -0.94
C VAL B 62 14.63 9.82 -2.22
N LEU B 63 13.50 10.50 -2.40
CA LEU B 63 12.67 10.31 -3.58
C LEU B 63 13.44 10.62 -4.85
N LEU B 64 13.86 11.87 -5.00
CA LEU B 64 14.62 12.29 -6.17
C LEU B 64 15.88 11.46 -6.33
N ALA B 65 16.69 11.42 -5.28
CA ALA B 65 17.94 10.67 -5.29
C ALA B 65 17.72 9.26 -5.83
N GLY B 66 16.91 8.48 -5.13
CA GLY B 66 16.63 7.12 -5.56
C GLY B 66 16.24 7.04 -7.02
N SER B 67 15.28 7.86 -7.43
CA SER B 67 14.82 7.88 -8.80
C SER B 67 15.99 7.96 -9.77
N TYR B 68 16.82 8.99 -9.61
CA TYR B 68 17.98 9.18 -10.46
C TYR B 68 18.99 8.05 -10.28
N LEU B 69 19.11 7.57 -9.05
CA LEU B 69 20.04 6.49 -8.74
C LEU B 69 19.68 5.22 -9.51
N ALA B 70 18.39 4.87 -9.48
CA ALA B 70 17.91 3.69 -10.17
C ALA B 70 17.92 3.88 -11.68
N VAL B 71 17.47 5.05 -12.12
CA VAL B 71 17.42 5.37 -13.54
C VAL B 71 18.74 5.03 -14.23
N LEU B 72 19.82 5.64 -13.74
CA LEU B 72 21.14 5.40 -14.30
C LEU B 72 21.41 3.92 -14.47
N ALA B 73 20.83 3.11 -13.59
CA ALA B 73 21.01 1.66 -13.64
C ALA B 73 19.97 1.01 -14.54
N GLU B 74 18.70 1.05 -14.10
CA GLU B 74 17.62 0.46 -14.87
C GLU B 74 17.68 0.90 -16.34
N ARG B 75 18.18 2.11 -16.56
CA ARG B 75 18.29 2.65 -17.91
C ARG B 75 18.95 1.64 -18.85
N GLY B 76 20.04 1.03 -18.39
CA GLY B 76 20.73 0.06 -19.20
C GLY B 76 20.50 -1.37 -18.72
N ALA B 77 19.25 -1.69 -18.43
CA ALA B 77 18.89 -3.02 -17.96
C ALA B 77 17.52 -3.43 -18.48
N PRO B 78 17.46 -4.01 -19.69
CA PRO B 78 16.21 -4.45 -20.30
C PRO B 78 15.37 -5.30 -19.35
N GLY B 79 14.32 -4.69 -18.80
CA GLY B 79 13.45 -5.40 -17.87
C GLY B 79 12.42 -4.48 -17.23
N ALA B 80 12.86 -3.32 -16.78
CA ALA B 80 11.98 -2.36 -16.14
C ALA B 80 11.88 -1.07 -16.96
N ALA B 81 10.79 -0.33 -16.75
CA ALA B 81 10.58 0.92 -17.47
C ALA B 81 11.06 2.12 -16.66
N LEU B 82 12.29 2.03 -16.16
CA LEU B 82 12.87 3.11 -15.37
C LEU B 82 14.17 3.62 -15.98
N ILE B 83 14.08 4.11 -17.21
CA ILE B 83 15.24 4.64 -17.91
C ILE B 83 15.29 6.15 -17.85
N SER B 84 14.12 6.78 -17.80
CA SER B 84 14.03 8.24 -17.74
C SER B 84 13.54 8.69 -16.37
N TYR B 85 14.04 9.84 -15.92
CA TYR B 85 13.66 10.39 -14.63
C TYR B 85 12.19 10.77 -14.59
N PRO B 86 11.68 11.48 -15.60
CA PRO B 86 10.27 11.89 -15.65
C PRO B 86 9.33 10.74 -15.31
N ASP B 87 9.76 9.52 -15.61
CA ASP B 87 8.95 8.34 -15.34
C ASP B 87 9.36 7.70 -14.02
N ALA B 88 10.66 7.56 -13.81
CA ALA B 88 11.18 6.96 -12.59
C ALA B 88 10.73 7.74 -11.36
N LEU B 89 10.91 9.06 -11.41
CA LEU B 89 10.52 9.92 -10.30
C LEU B 89 9.10 9.59 -9.83
N TRP B 90 8.20 9.37 -10.78
CA TRP B 90 6.82 9.05 -10.47
C TRP B 90 6.72 7.72 -9.73
N TRP B 91 7.57 6.77 -10.12
CA TRP B 91 7.59 5.45 -9.51
C TRP B 91 8.05 5.55 -8.05
N SER B 92 9.04 6.38 -7.81
CA SER B 92 9.57 6.55 -6.45
C SER B 92 8.51 7.11 -5.53
N VAL B 93 7.76 8.10 -6.01
CA VAL B 93 6.71 8.73 -5.22
C VAL B 93 5.71 7.69 -4.72
N GLU B 94 5.21 6.85 -5.63
CA GLU B 94 4.26 5.81 -5.28
C GLU B 94 4.88 4.81 -4.31
N THR B 95 6.09 4.36 -4.61
CA THR B 95 6.79 3.40 -3.77
C THR B 95 6.99 3.97 -2.36
N ALA B 96 7.17 5.29 -2.28
CA ALA B 96 7.36 5.94 -0.99
C ALA B 96 6.07 5.97 -0.18
N THR B 97 4.94 6.02 -0.87
CA THR B 97 3.65 6.06 -0.21
C THR B 97 3.02 4.67 -0.17
N THR B 98 3.86 3.64 -0.12
CA THR B 98 3.39 2.26 -0.08
C THR B 98 2.32 2.02 -1.14
N VAL B 99 2.43 2.70 -2.27
CA VAL B 99 1.47 2.56 -3.35
C VAL B 99 1.90 1.47 -4.32
N GLY B 100 2.90 1.76 -5.14
CA GLY B 100 3.39 0.78 -6.10
C GLY B 100 2.30 0.29 -7.03
N TYR B 101 1.85 1.17 -7.92
CA TYR B 101 0.80 0.81 -8.88
C TYR B 101 1.11 -0.51 -9.56
N GLY B 102 2.21 -0.55 -10.29
CA GLY B 102 2.60 -1.76 -10.99
C GLY B 102 3.27 -1.48 -12.32
N ASP B 103 2.90 -0.35 -12.93
CA ASP B 103 3.46 0.03 -14.22
C ASP B 103 4.99 -0.08 -14.20
N LEU B 104 5.60 0.44 -13.15
CA LEU B 104 7.05 0.40 -13.01
C LEU B 104 7.47 -0.53 -11.87
N TYR B 105 8.00 -1.69 -12.23
CA TYR B 105 8.43 -2.67 -11.25
C TYR B 105 9.93 -2.96 -11.39
N PRO B 106 10.78 -2.19 -10.70
CA PRO B 106 12.23 -2.36 -10.75
C PRO B 106 12.63 -3.82 -10.63
N VAL B 107 13.53 -4.25 -11.52
CA VAL B 107 14.00 -5.64 -11.50
C VAL B 107 15.48 -5.71 -11.16
N THR B 108 16.30 -4.96 -11.87
CA THR B 108 17.74 -4.95 -11.64
C THR B 108 18.04 -4.65 -10.17
N LEU B 109 19.19 -5.15 -9.69
CA LEU B 109 19.61 -4.94 -8.32
C LEU B 109 19.47 -3.47 -7.92
N TRP B 110 20.16 -2.60 -8.67
CA TRP B 110 20.12 -1.17 -8.40
C TRP B 110 18.68 -0.66 -8.37
N GLY B 111 17.96 -0.87 -9.47
CA GLY B 111 16.59 -0.42 -9.55
C GLY B 111 15.77 -0.87 -8.37
N ARG B 112 15.93 -2.14 -7.98
CA ARG B 112 15.19 -2.70 -6.85
C ARG B 112 15.68 -2.08 -5.54
N CYS B 113 16.99 -1.90 -5.43
CA CYS B 113 17.57 -1.32 -4.23
C CYS B 113 16.94 0.03 -3.91
N VAL B 114 16.70 0.82 -4.95
CA VAL B 114 16.10 2.14 -4.78
C VAL B 114 14.70 2.03 -4.17
N ALA B 115 13.93 1.06 -4.66
CA ALA B 115 12.57 0.85 -4.17
C ALA B 115 12.55 0.70 -2.64
N VAL B 116 13.44 -0.16 -2.14
CA VAL B 116 13.54 -0.40 -0.71
C VAL B 116 14.02 0.85 0.02
N VAL B 117 15.01 1.52 -0.55
CA VAL B 117 15.56 2.73 0.05
C VAL B 117 14.52 3.83 0.13
N VAL B 118 13.73 3.98 -0.94
CA VAL B 118 12.70 4.99 -1.00
C VAL B 118 11.50 4.61 -0.11
N MET B 119 11.26 3.31 0.01
CA MET B 119 10.17 2.81 0.83
C MET B 119 10.37 3.17 2.29
N VAL B 120 11.54 2.85 2.83
CA VAL B 120 11.87 3.14 4.22
C VAL B 120 11.81 4.64 4.49
N ALA B 121 12.27 5.42 3.51
CA ALA B 121 12.28 6.88 3.65
C ALA B 121 10.87 7.44 3.62
N GLY B 122 10.06 6.96 2.67
CA GLY B 122 8.70 7.43 2.56
C GLY B 122 7.87 7.09 3.78
N ILE B 123 8.04 5.87 4.28
CA ILE B 123 7.30 5.42 5.45
C ILE B 123 7.74 6.17 6.71
N THR B 124 9.06 6.32 6.86
CA THR B 124 9.61 7.03 8.01
C THR B 124 9.04 8.44 8.11
N SER B 125 9.06 9.16 6.99
CA SER B 125 8.55 10.53 6.95
C SER B 125 7.05 10.56 7.26
N TYR B 126 6.33 9.59 6.70
CA TYR B 126 4.89 9.50 6.92
C TYR B 126 4.57 9.08 8.35
N GLY B 127 5.41 8.19 8.90
CA GLY B 127 5.20 7.72 10.25
C GLY B 127 5.24 8.85 11.26
N LEU B 128 6.29 9.65 11.20
CA LEU B 128 6.45 10.78 12.12
C LEU B 128 5.19 11.64 12.16
N VAL B 129 4.53 11.74 11.01
CA VAL B 129 3.30 12.52 10.92
C VAL B 129 2.15 11.86 11.66
N PHE B 130 2.04 10.53 11.50
CA PHE B 130 0.99 9.77 12.16
C PHE B 130 1.13 9.86 13.68
N ALA B 131 2.36 9.79 14.15
CA ALA B 131 2.63 9.86 15.59
C ALA B 131 2.58 11.30 16.08
N ALA B 132 3.02 12.23 15.23
CA ALA B 132 3.02 13.65 15.57
C ALA B 132 1.63 14.11 16.01
N VAL B 133 0.62 13.72 15.23
CA VAL B 133 -0.76 14.08 15.54
C VAL B 133 -1.21 13.48 16.86
N ALA B 134 -0.74 12.27 17.14
CA ALA B 134 -1.09 11.58 18.38
C ALA B 134 -0.61 12.36 19.60
N THR B 135 0.63 12.83 19.55
CA THR B 135 1.20 13.59 20.65
C THR B 135 0.37 14.85 20.92
N TRP B 136 0.08 15.59 19.86
CA TRP B 136 -0.70 16.82 19.99
C TRP B 136 -2.16 16.51 20.34
N PHE B 137 -2.65 15.37 19.87
CA PHE B 137 -4.02 14.95 20.14
C PHE B 137 -4.24 14.75 21.63
N VAL B 138 -3.19 14.34 22.34
CA VAL B 138 -3.28 14.12 23.78
C VAL B 138 -3.33 15.43 24.54
N GLY B 139 -2.70 16.47 23.98
CA GLY B 139 -2.69 17.77 24.62
C GLY B 139 -3.86 18.62 24.22
N ARG B 140 -5.07 18.07 24.36
CA ARG B 140 -6.29 18.79 24.01
C ARG B 140 -7.51 18.13 24.62
N GLU B 141 -7.32 17.51 25.79
CA GLU B 141 -8.41 16.84 26.48
C GLU B 141 -9.64 17.75 26.56
N GLN B 142 -9.41 19.05 26.68
CA GLN B 142 -10.49 20.01 26.77
C GLN B 142 -10.63 20.80 25.47
N ALA C 46 -11.42 17.71 24.07
CA ALA C 46 -11.89 16.88 22.92
C ALA C 46 -11.27 17.37 21.61
N LEU C 47 -10.56 16.48 20.92
CA LEU C 47 -9.92 16.81 19.66
C LEU C 47 -9.59 15.55 18.87
N HIS C 48 -9.03 14.56 19.55
CA HIS C 48 -8.67 13.30 18.91
C HIS C 48 -9.87 12.67 18.22
N TRP C 49 -11.05 12.90 18.77
CA TRP C 49 -12.28 12.36 18.21
C TRP C 49 -12.72 13.16 16.98
N ARG C 50 -13.05 14.43 17.20
CA ARG C 50 -13.48 15.30 16.11
C ARG C 50 -12.44 15.33 14.99
N ALA C 51 -11.19 15.61 15.36
CA ALA C 51 -10.11 15.67 14.39
C ALA C 51 -10.12 14.45 13.47
N ALA C 52 -10.31 13.28 14.06
CA ALA C 52 -10.35 12.04 13.31
C ALA C 52 -11.61 11.94 12.45
N GLY C 53 -12.75 12.29 13.06
CA GLY C 53 -14.01 12.24 12.35
C GLY C 53 -14.05 13.19 11.16
N ALA C 54 -13.45 14.37 11.33
CA ALA C 54 -13.43 15.36 10.25
C ALA C 54 -12.42 14.97 9.17
N ALA C 55 -11.31 14.40 9.59
CA ALA C 55 -10.27 13.97 8.66
C ALA C 55 -10.86 13.16 7.52
N THR C 56 -11.82 12.29 7.84
CA THR C 56 -12.46 11.45 6.84
C THR C 56 -13.08 12.30 5.73
N VAL C 57 -13.59 13.47 6.10
CA VAL C 57 -14.20 14.37 5.14
C VAL C 57 -13.20 14.82 4.08
N LEU C 58 -12.01 15.22 4.53
CA LEU C 58 -10.96 15.67 3.63
C LEU C 58 -10.72 14.64 2.53
N LEU C 59 -10.34 13.43 2.93
CA LEU C 59 -10.06 12.35 1.98
C LEU C 59 -11.22 12.20 0.99
N VAL C 60 -12.45 12.36 1.48
CA VAL C 60 -13.63 12.22 0.64
C VAL C 60 -13.65 13.31 -0.43
N ILE C 61 -13.39 14.55 -0.03
CA ILE C 61 -13.38 15.67 -0.96
C ILE C 61 -12.27 15.52 -1.99
N VAL C 62 -11.03 15.51 -1.52
CA VAL C 62 -9.88 15.36 -2.40
C VAL C 62 -10.07 14.19 -3.37
N LEU C 63 -10.77 13.16 -2.91
CA LEU C 63 -11.02 11.98 -3.73
C LEU C 63 -11.76 12.36 -5.01
N LEU C 64 -12.99 12.84 -4.85
CA LEU C 64 -13.82 13.24 -5.99
C LEU C 64 -13.10 14.29 -6.84
N ALA C 65 -12.68 15.38 -6.19
CA ALA C 65 -11.98 16.45 -6.89
C ALA C 65 -10.87 15.91 -7.77
N GLY C 66 -9.89 15.26 -7.15
CA GLY C 66 -8.77 14.71 -7.89
C GLY C 66 -9.23 13.88 -9.08
N SER C 67 -10.14 12.94 -8.83
CA SER C 67 -10.66 12.07 -9.88
C SER C 67 -11.09 12.89 -11.09
N TYR C 68 -12.00 13.84 -10.87
CA TYR C 68 -12.48 14.69 -11.95
C TYR C 68 -11.37 15.57 -12.51
N LEU C 69 -10.47 16.01 -11.63
CA LEU C 69 -9.36 16.85 -12.05
C LEU C 69 -8.45 16.11 -13.03
N ALA C 70 -8.12 14.87 -12.70
CA ALA C 70 -7.26 14.05 -13.55
C ALA C 70 -7.99 13.61 -14.81
N VAL C 71 -9.24 13.18 -14.65
CA VAL C 71 -10.05 12.74 -15.77
C VAL C 71 -9.99 13.72 -16.93
N LEU C 72 -10.38 14.96 -16.65
CA LEU C 72 -10.37 16.01 -17.67
C LEU C 72 -9.04 16.03 -18.43
N ALA C 73 -7.97 15.66 -17.73
CA ALA C 73 -6.64 15.64 -18.33
C ALA C 73 -6.37 14.29 -19.00
N GLU C 74 -6.23 13.25 -18.18
CA GLU C 74 -5.97 11.91 -18.69
C GLU C 74 -6.91 11.56 -19.84
N ARG C 75 -8.12 12.11 -19.79
CA ARG C 75 -9.11 11.85 -20.83
C ARG C 75 -8.52 12.05 -22.21
N GLY C 76 -7.79 13.16 -22.38
CA GLY C 76 -7.18 13.45 -23.67
C GLY C 76 -5.68 13.63 -23.57
N ALA C 77 -4.95 12.52 -23.64
CA ALA C 77 -3.49 12.56 -23.56
C ALA C 77 -2.91 11.15 -23.47
N PRO C 78 -1.68 10.97 -23.97
CA PRO C 78 -1.00 9.67 -23.96
C PRO C 78 -0.49 9.30 -22.58
N GLY C 79 -1.41 9.18 -21.62
CA GLY C 79 -1.03 8.84 -20.26
C GLY C 79 -1.47 7.43 -19.88
N ALA C 80 -2.75 7.28 -19.54
CA ALA C 80 -3.28 5.99 -19.15
C ALA C 80 -4.62 5.72 -19.83
N ALA C 81 -5.34 4.71 -19.36
CA ALA C 81 -6.63 4.35 -19.92
C ALA C 81 -7.75 5.14 -19.26
N LEU C 82 -7.60 5.42 -17.97
CA LEU C 82 -8.60 6.17 -17.22
C LEU C 82 -8.99 7.44 -17.97
N ILE C 83 -10.23 7.48 -18.46
CA ILE C 83 -10.72 8.64 -19.19
C ILE C 83 -12.16 8.95 -18.81
N SER C 84 -12.53 8.64 -17.57
CA SER C 84 -13.87 8.91 -17.08
C SER C 84 -13.90 8.92 -15.55
N TYR C 85 -15.01 9.40 -15.00
CA TYR C 85 -15.16 9.46 -13.54
C TYR C 85 -15.51 8.10 -12.96
N PRO C 86 -16.50 7.40 -13.52
CA PRO C 86 -16.92 6.09 -13.04
C PRO C 86 -15.73 5.16 -12.82
N ASP C 87 -14.66 5.37 -13.58
CA ASP C 87 -13.45 4.56 -13.47
C ASP C 87 -12.38 5.29 -12.67
N ALA C 88 -12.17 6.55 -12.98
CA ALA C 88 -11.18 7.36 -12.28
C ALA C 88 -11.46 7.42 -10.79
N LEU C 89 -12.70 7.71 -10.43
CA LEU C 89 -13.10 7.80 -9.03
C LEU C 89 -12.62 6.58 -8.26
N TRP C 90 -12.76 5.41 -8.87
CA TRP C 90 -12.34 4.16 -8.24
C TRP C 90 -10.83 4.15 -8.02
N TRP C 91 -10.10 4.71 -8.98
CA TRP C 91 -8.65 4.75 -8.89
C TRP C 91 -8.19 5.65 -7.74
N SER C 92 -8.88 6.78 -7.57
CA SER C 92 -8.55 7.71 -6.51
C SER C 92 -8.75 7.08 -5.14
N VAL C 93 -9.84 6.33 -4.98
CA VAL C 93 -10.13 5.66 -3.72
C VAL C 93 -8.98 4.76 -3.30
N GLU C 94 -8.53 3.91 -4.21
CA GLU C 94 -7.43 3.00 -3.94
C GLU C 94 -6.15 3.76 -3.64
N THR C 95 -5.85 4.75 -4.48
CA THR C 95 -4.65 5.56 -4.30
C THR C 95 -4.66 6.26 -2.94
N ALA C 96 -5.86 6.60 -2.47
CA ALA C 96 -6.00 7.28 -1.19
C ALA C 96 -5.73 6.32 -0.03
N THR C 97 -6.03 5.04 -0.23
CA THR C 97 -5.83 4.03 0.79
C THR C 97 -4.51 3.28 0.56
N THR C 98 -3.54 3.97 -0.04
CA THR C 98 -2.23 3.37 -0.31
C THR C 98 -2.38 2.00 -0.96
N VAL C 99 -3.43 1.85 -1.75
CA VAL C 99 -3.70 0.58 -2.44
C VAL C 99 -3.02 0.54 -3.80
N GLY C 100 -3.59 1.27 -4.75
CA GLY C 100 -3.03 1.31 -6.10
C GLY C 100 -2.92 -0.07 -6.72
N TYR C 101 -4.06 -0.66 -7.04
CA TYR C 101 -4.08 -1.99 -7.64
C TYR C 101 -3.11 -2.08 -8.81
N GLY C 102 -3.31 -1.21 -9.80
CA GLY C 102 -2.44 -1.20 -10.96
C GLY C 102 -3.22 -1.06 -12.26
N ASP C 103 -4.46 -1.50 -12.26
CA ASP C 103 -5.31 -1.42 -13.45
C ASP C 103 -5.25 -0.02 -14.06
N LEU C 104 -5.07 0.98 -13.21
CA LEU C 104 -5.01 2.36 -13.67
C LEU C 104 -3.67 2.99 -13.28
N TYR C 105 -2.84 3.27 -14.28
CA TYR C 105 -1.54 3.87 -14.05
C TYR C 105 -1.40 5.19 -14.81
N PRO C 106 -1.80 6.31 -14.17
CA PRO C 106 -1.72 7.63 -14.79
C PRO C 106 -0.28 8.08 -15.01
N VAL C 107 0.06 8.38 -16.26
CA VAL C 107 1.40 8.82 -16.61
C VAL C 107 1.47 10.33 -16.81
N THR C 108 0.44 10.88 -17.45
CA THR C 108 0.39 12.32 -17.71
C THR C 108 0.66 13.11 -16.43
N LEU C 109 1.14 14.33 -16.59
CA LEU C 109 1.44 15.19 -15.46
C LEU C 109 0.22 15.36 -14.57
N TRP C 110 -0.86 15.89 -15.15
CA TRP C 110 -2.09 16.11 -14.41
C TRP C 110 -2.56 14.82 -13.73
N GLY C 111 -2.76 13.78 -14.53
CA GLY C 111 -3.21 12.50 -13.98
C GLY C 111 -2.35 12.05 -12.81
N ARG C 112 -1.04 12.17 -12.97
CA ARG C 112 -0.10 11.77 -11.93
C ARG C 112 -0.20 12.71 -10.72
N CYS C 113 -0.33 14.00 -11.01
CA CYS C 113 -0.43 15.00 -9.95
C CYS C 113 -1.58 14.67 -8.99
N VAL C 114 -2.69 14.21 -9.55
CA VAL C 114 -3.86 13.85 -8.74
C VAL C 114 -3.52 12.71 -7.79
N ALA C 115 -2.80 11.71 -8.28
CA ALA C 115 -2.42 10.57 -7.46
C ALA C 115 -1.72 11.01 -6.19
N VAL C 116 -0.74 11.90 -6.33
CA VAL C 116 0.00 12.41 -5.19
C VAL C 116 -0.89 13.25 -4.28
N VAL C 117 -1.73 14.08 -4.89
CA VAL C 117 -2.64 14.93 -4.13
C VAL C 117 -3.64 14.10 -3.33
N VAL C 118 -4.16 13.05 -3.95
CA VAL C 118 -5.12 12.18 -3.30
C VAL C 118 -4.45 11.29 -2.27
N MET C 119 -3.19 10.95 -2.52
CA MET C 119 -2.42 10.11 -1.60
C MET C 119 -2.23 10.80 -0.26
N VAL C 120 -1.74 12.04 -0.31
CA VAL C 120 -1.49 12.81 0.91
C VAL C 120 -2.80 13.03 1.68
N ALA C 121 -3.88 13.25 0.94
CA ALA C 121 -5.18 13.48 1.55
C ALA C 121 -5.71 12.20 2.20
N GLY C 122 -5.62 11.09 1.47
CA GLY C 122 -6.09 9.83 1.99
C GLY C 122 -5.33 9.38 3.22
N ILE C 123 -4.00 9.56 3.20
CA ILE C 123 -3.16 9.18 4.32
C ILE C 123 -3.41 10.08 5.52
N THR C 124 -3.50 11.38 5.26
CA THR C 124 -3.73 12.35 6.33
C THR C 124 -5.01 12.02 7.09
N SER C 125 -6.09 11.76 6.35
CA SER C 125 -7.37 11.44 6.96
C SER C 125 -7.28 10.12 7.74
N TYR C 126 -6.59 9.16 7.17
CA TYR C 126 -6.43 7.85 7.80
C TYR C 126 -5.51 7.96 9.02
N GLY C 127 -4.49 8.80 8.92
CA GLY C 127 -3.56 8.98 10.02
C GLY C 127 -4.24 9.47 11.27
N LEU C 128 -5.01 10.55 11.15
CA LEU C 128 -5.73 11.12 12.29
C LEU C 128 -6.50 10.04 13.03
N VAL C 129 -7.02 9.07 12.29
CA VAL C 129 -7.78 7.98 12.88
C VAL C 129 -6.88 7.05 13.69
N PHE C 130 -5.72 6.74 13.14
CA PHE C 130 -4.77 5.86 13.80
C PHE C 130 -4.29 6.47 15.12
N ALA C 131 -4.05 7.78 15.10
CA ALA C 131 -3.60 8.49 16.29
C ALA C 131 -4.76 8.77 17.24
N ALA C 132 -5.93 9.03 16.66
CA ALA C 132 -7.13 9.31 17.46
C ALA C 132 -7.39 8.19 18.46
N VAL C 133 -7.32 6.95 17.98
CA VAL C 133 -7.55 5.80 18.84
C VAL C 133 -6.50 5.70 19.94
N ALA C 134 -5.27 6.11 19.62
CA ALA C 134 -4.18 6.08 20.58
C ALA C 134 -4.46 7.00 21.76
N THR C 135 -4.92 8.21 21.45
CA THR C 135 -5.23 9.19 22.49
C THR C 135 -6.30 8.64 23.44
N TRP C 136 -7.37 8.12 22.87
CA TRP C 136 -8.47 7.58 23.66
C TRP C 136 -8.05 6.28 24.36
N PHE C 137 -7.16 5.54 23.71
CA PHE C 137 -6.67 4.28 24.27
C PHE C 137 -5.94 4.50 25.59
N VAL C 138 -5.30 5.66 25.71
CA VAL C 138 -4.57 6.01 26.92
C VAL C 138 -5.51 6.36 28.07
N GLY C 139 -6.68 6.91 27.71
CA GLY C 139 -7.66 7.27 28.72
C GLY C 139 -8.56 6.12 29.10
N ARG C 140 -7.95 5.02 29.53
CA ARG C 140 -8.71 3.83 29.93
C ARG C 140 -7.82 2.85 30.68
N GLU C 141 -7.77 2.99 32.00
CA GLU C 141 -6.95 2.11 32.83
C GLU C 141 -7.81 1.00 33.45
N GLN C 142 -9.06 1.33 33.74
CA GLN C 142 -9.98 0.37 34.33
C GLN C 142 -10.17 -0.84 33.42
N ALA D 46 -7.54 -0.63 30.74
CA ALA D 46 -7.76 -1.88 29.95
C ALA D 46 -8.68 -1.63 28.76
N LEU D 47 -8.08 -1.46 27.58
CA LEU D 47 -8.83 -1.21 26.36
C LEU D 47 -7.94 -1.31 25.14
N HIS D 48 -6.76 -0.71 25.21
CA HIS D 48 -5.82 -0.74 24.10
C HIS D 48 -5.49 -2.18 23.70
N TRP D 49 -5.53 -3.08 24.66
CA TRP D 49 -5.24 -4.48 24.40
C TRP D 49 -6.43 -5.17 23.74
N ARG D 50 -7.54 -5.24 24.48
CA ARG D 50 -8.76 -5.87 23.96
C ARG D 50 -9.18 -5.24 22.63
N ALA D 51 -9.28 -3.91 22.62
CA ALA D 51 -9.67 -3.19 21.42
C ALA D 51 -8.86 -3.64 20.21
N ALA D 52 -7.56 -3.80 20.40
CA ALA D 52 -6.68 -4.24 19.33
C ALA D 52 -6.91 -5.71 18.99
N GLY D 53 -7.03 -6.54 20.02
CA GLY D 53 -7.26 -7.96 19.81
C GLY D 53 -8.57 -8.23 19.08
N ALA D 54 -9.60 -7.48 19.43
CA ALA D 54 -10.91 -7.64 18.81
C ALA D 54 -10.92 -7.10 17.39
N ALA D 55 -10.22 -5.98 17.18
CA ALA D 55 -10.14 -5.36 15.87
C ALA D 55 -9.80 -6.39 14.79
N THR D 56 -8.89 -7.30 15.12
CA THR D 56 -8.49 -8.34 14.18
C THR D 56 -9.68 -9.15 13.70
N VAL D 57 -10.64 -9.36 14.58
CA VAL D 57 -11.84 -10.11 14.25
C VAL D 57 -12.62 -9.44 13.13
N LEU D 58 -12.82 -8.13 13.25
CA LEU D 58 -13.55 -7.37 12.25
C LEU D 58 -12.98 -7.61 10.85
N LEU D 59 -11.70 -7.30 10.68
CA LEU D 59 -11.03 -7.48 9.40
C LEU D 59 -11.26 -8.89 8.86
N VAL D 60 -11.24 -9.87 9.76
CA VAL D 60 -11.44 -11.27 9.38
C VAL D 60 -12.84 -11.47 8.81
N ILE D 61 -13.84 -10.94 9.49
CA ILE D 61 -15.23 -11.08 9.05
C ILE D 61 -15.44 -10.38 7.70
N VAL D 62 -15.24 -9.06 7.69
CA VAL D 62 -15.41 -8.28 6.47
C VAL D 62 -14.67 -8.92 5.31
N LEU D 63 -13.55 -9.57 5.60
CA LEU D 63 -12.75 -10.22 4.57
C LEU D 63 -13.57 -11.27 3.83
N LEU D 64 -13.98 -12.31 4.55
CA LEU D 64 -14.77 -13.39 3.96
C LEU D 64 -16.05 -12.84 3.32
N ALA D 65 -16.83 -12.10 4.10
CA ALA D 65 -18.07 -11.51 3.61
C ALA D 65 -17.86 -10.83 2.27
N GLY D 66 -17.03 -9.78 2.27
CA GLY D 66 -16.76 -9.04 1.05
C GLY D 66 -16.41 -9.96 -0.11
N SER D 67 -15.46 -10.86 0.11
CA SER D 67 -15.03 -11.79 -0.93
C SER D 67 -16.24 -12.47 -1.57
N TYR D 68 -17.06 -13.12 -0.75
CA TYR D 68 -18.25 -13.81 -1.25
C TYR D 68 -19.25 -12.82 -1.84
N LEU D 69 -19.33 -11.65 -1.23
CA LEU D 69 -20.25 -10.61 -1.69
C LEU D 69 -19.91 -10.16 -3.11
N ALA D 70 -18.62 -9.91 -3.35
CA ALA D 70 -18.15 -9.48 -4.66
C ALA D 70 -18.20 -10.63 -5.66
N VAL D 71 -17.77 -11.81 -5.24
CA VAL D 71 -17.76 -12.98 -6.09
C VAL D 71 -19.10 -13.16 -6.80
N LEU D 72 -20.17 -13.26 -6.02
CA LEU D 72 -21.51 -13.44 -6.57
C LEU D 72 -21.78 -12.42 -7.68
N ALA D 73 -21.17 -11.25 -7.56
CA ALA D 73 -21.34 -10.19 -8.54
C ALA D 73 -20.32 -10.32 -9.67
N GLU D 74 -19.06 -10.09 -9.34
CA GLU D 74 -17.98 -10.17 -10.32
C GLU D 74 -18.08 -11.46 -11.13
N ARG D 75 -18.59 -12.51 -10.49
CA ARG D 75 -18.74 -13.80 -11.15
C ARG D 75 -19.42 -13.65 -12.51
N GLY D 76 -20.50 -12.88 -12.54
CA GLY D 76 -21.22 -12.66 -13.78
C GLY D 76 -21.14 -11.23 -14.25
N ALA D 77 -19.93 -10.80 -14.64
CA ALA D 77 -19.72 -9.44 -15.12
C ALA D 77 -18.24 -9.15 -15.31
N PRO D 78 -17.91 -8.24 -16.23
CA PRO D 78 -16.52 -7.86 -16.53
C PRO D 78 -15.75 -7.48 -15.26
N GLY D 79 -15.11 -8.48 -14.64
CA GLY D 79 -14.34 -8.23 -13.44
C GLY D 79 -12.99 -8.89 -13.47
N ALA D 80 -12.30 -8.88 -12.35
CA ALA D 80 -10.96 -9.48 -12.24
C ALA D 80 -11.01 -10.97 -12.57
N ALA D 81 -9.85 -11.61 -12.51
CA ALA D 81 -9.76 -13.05 -12.79
C ALA D 81 -9.92 -13.86 -11.51
N LEU D 82 -11.15 -13.95 -11.01
CA LEU D 82 -11.43 -14.71 -9.80
C LEU D 82 -12.61 -15.65 -10.01
N ILE D 83 -13.77 -15.07 -10.29
CA ILE D 83 -14.99 -15.84 -10.51
C ILE D 83 -15.13 -16.98 -9.51
N SER D 84 -14.63 -16.77 -8.30
CA SER D 84 -14.71 -17.79 -7.26
C SER D 84 -14.13 -17.26 -5.94
N TYR D 85 -14.47 -17.92 -4.85
CA TYR D 85 -14.00 -17.52 -3.53
C TYR D 85 -12.52 -17.83 -3.35
N PRO D 86 -12.08 -19.07 -3.69
CA PRO D 86 -10.67 -19.46 -3.54
C PRO D 86 -9.72 -18.38 -4.07
N ASP D 87 -10.17 -17.62 -5.05
CA ASP D 87 -9.35 -16.56 -5.64
C ASP D 87 -9.72 -15.20 -5.06
N ALA D 88 -11.02 -14.93 -4.98
CA ALA D 88 -11.51 -13.67 -4.44
C ALA D 88 -11.03 -13.45 -3.01
N LEU D 89 -11.20 -14.48 -2.17
CA LEU D 89 -10.78 -14.40 -0.78
C LEU D 89 -9.35 -13.87 -0.67
N TRP D 90 -8.48 -14.35 -1.55
CA TRP D 90 -7.09 -13.93 -1.55
C TRP D 90 -6.97 -12.44 -1.88
N TRP D 91 -7.83 -11.98 -2.78
CA TRP D 91 -7.82 -10.57 -3.19
C TRP D 91 -8.24 -9.67 -2.03
N SER D 92 -9.24 -10.12 -1.27
CA SER D 92 -9.73 -9.35 -0.14
C SER D 92 -8.64 -9.18 0.92
N VAL D 93 -7.91 -10.26 1.18
CA VAL D 93 -6.84 -10.23 2.17
C VAL D 93 -5.82 -9.13 1.85
N GLU D 94 -5.36 -9.12 0.60
CA GLU D 94 -4.38 -8.12 0.17
C GLU D 94 -4.98 -6.72 0.25
N THR D 95 -6.20 -6.57 -0.26
CA THR D 95 -6.87 -5.27 -0.24
C THR D 95 -7.03 -4.77 1.19
N ALA D 96 -7.20 -5.69 2.13
CA ALA D 96 -7.37 -5.34 3.53
C ALA D 96 -6.06 -4.85 4.14
N THR D 97 -4.95 -5.37 3.63
CA THR D 97 -3.63 -4.99 4.11
C THR D 97 -3.00 -3.93 3.22
N THR D 98 -3.84 -3.10 2.59
CA THR D 98 -3.36 -2.04 1.71
C THR D 98 -2.31 -2.57 0.73
N VAL D 99 -2.47 -3.83 0.35
CA VAL D 99 -1.53 -4.47 -0.59
C VAL D 99 -1.97 -4.26 -2.03
N GLY D 100 -3.03 -4.97 -2.43
CA GLY D 100 -3.53 -4.85 -3.78
C GLY D 100 -2.47 -5.15 -4.82
N TYR D 101 -2.07 -6.40 -4.92
CA TYR D 101 -1.05 -6.81 -5.89
C TYR D 101 -1.37 -6.26 -7.27
N GLY D 102 -2.54 -6.60 -7.79
CA GLY D 102 -2.93 -6.14 -9.10
C GLY D 102 -3.36 -7.27 -10.02
N ASP D 103 -2.81 -8.46 -9.78
CA ASP D 103 -3.14 -9.63 -10.60
C ASP D 103 -4.64 -9.78 -10.77
N LEU D 104 -5.39 -9.35 -9.76
CA LEU D 104 -6.85 -9.43 -9.79
C LEU D 104 -7.48 -8.27 -9.05
N TYR D 105 -7.97 -7.28 -9.80
CA TYR D 105 -8.59 -6.10 -9.21
C TYR D 105 -10.07 -6.04 -9.57
N PRO D 106 -10.89 -5.45 -8.69
CA PRO D 106 -12.33 -5.32 -8.92
C PRO D 106 -12.66 -4.27 -9.97
N VAL D 107 -13.75 -4.49 -10.70
CA VAL D 107 -14.18 -3.56 -11.74
C VAL D 107 -15.64 -3.16 -11.55
N THR D 108 -16.53 -4.14 -11.64
CA THR D 108 -17.97 -3.90 -11.48
C THR D 108 -18.23 -3.14 -10.18
N LEU D 109 -19.40 -2.51 -10.11
CA LEU D 109 -19.79 -1.75 -8.92
C LEU D 109 -19.64 -2.60 -7.67
N TRP D 110 -20.36 -3.72 -7.64
CA TRP D 110 -20.31 -4.62 -6.48
C TRP D 110 -18.87 -5.01 -6.16
N GLY D 111 -18.19 -5.61 -7.14
CA GLY D 111 -16.81 -6.02 -6.93
C GLY D 111 -15.96 -4.91 -6.35
N ARG D 112 -16.10 -3.71 -6.89
CA ARG D 112 -15.33 -2.55 -6.42
C ARG D 112 -15.78 -2.14 -5.03
N CYS D 113 -17.10 -2.18 -4.80
CA CYS D 113 -17.66 -1.81 -3.50
C CYS D 113 -17.01 -2.63 -2.38
N VAL D 114 -16.80 -3.91 -2.64
CA VAL D 114 -16.20 -4.80 -1.67
C VAL D 114 -14.78 -4.35 -1.30
N ALA D 115 -14.03 -3.96 -2.32
CA ALA D 115 -12.65 -3.50 -2.12
C ALA D 115 -12.60 -2.38 -1.08
N VAL D 116 -13.47 -1.39 -1.24
CA VAL D 116 -13.52 -0.26 -0.33
C VAL D 116 -13.99 -0.70 1.06
N VAL D 117 -14.99 -1.56 1.09
CA VAL D 117 -15.53 -2.07 2.34
C VAL D 117 -14.48 -2.87 3.11
N VAL D 118 -13.74 -3.70 2.39
CA VAL D 118 -12.70 -4.52 3.01
C VAL D 118 -11.49 -3.67 3.39
N MET D 119 -11.25 -2.62 2.62
CA MET D 119 -10.12 -1.73 2.88
C MET D 119 -10.28 -1.03 4.23
N VAL D 120 -11.44 -0.41 4.43
CA VAL D 120 -11.73 0.29 5.67
C VAL D 120 -11.67 -0.66 6.86
N ALA D 121 -12.17 -1.88 6.66
CA ALA D 121 -12.17 -2.89 7.72
C ALA D 121 -10.75 -3.34 8.05
N GLY D 122 -9.98 -3.63 7.00
CA GLY D 122 -8.61 -4.09 7.20
C GLY D 122 -7.74 -3.04 7.87
N ILE D 123 -7.91 -1.79 7.46
CA ILE D 123 -7.13 -0.69 8.03
C ILE D 123 -7.55 -0.42 9.47
N THR D 124 -8.86 -0.41 9.71
CA THR D 124 -9.38 -0.18 11.05
C THR D 124 -8.82 -1.18 12.05
N SER D 125 -8.86 -2.45 11.68
CA SER D 125 -8.35 -3.51 12.54
C SER D 125 -6.85 -3.37 12.76
N TYR D 126 -6.14 -3.01 11.69
CA TYR D 126 -4.69 -2.83 11.76
C TYR D 126 -4.34 -1.58 12.56
N GLY D 127 -5.15 -0.54 12.40
CA GLY D 127 -4.91 0.70 13.11
C GLY D 127 -4.93 0.52 14.61
N LEU D 128 -5.98 -0.11 15.13
CA LEU D 128 -6.12 -0.34 16.55
C LEU D 128 -4.86 -0.98 17.12
N VAL D 129 -4.23 -1.83 16.32
CA VAL D 129 -3.01 -2.51 16.73
C VAL D 129 -1.84 -1.53 16.82
N PHE D 130 -1.72 -0.65 15.84
CA PHE D 130 -0.66 0.34 15.82
C PHE D 130 -0.75 1.27 17.01
N ALA D 131 -1.97 1.67 17.34
CA ALA D 131 -2.20 2.57 18.48
C ALA D 131 -2.14 1.80 19.80
N ALA D 132 -2.60 0.56 19.78
CA ALA D 132 -2.60 -0.28 20.98
C ALA D 132 -1.19 -0.37 21.58
N VAL D 133 -0.21 -0.61 20.72
CA VAL D 133 1.18 -0.71 21.17
C VAL D 133 1.67 0.61 21.75
N ALA D 134 1.20 1.71 21.17
CA ALA D 134 1.58 3.03 21.63
C ALA D 134 1.14 3.27 23.08
N THR D 135 -0.10 2.90 23.38
CA THR D 135 -0.64 3.07 24.72
C THR D 135 0.18 2.29 25.73
N TRP D 136 0.46 1.03 25.43
CA TRP D 136 1.24 0.17 26.32
C TRP D 136 2.70 0.61 26.35
N PHE D 137 3.17 1.15 25.23
CA PHE D 137 4.55 1.62 25.13
C PHE D 137 4.82 2.74 26.12
N VAL D 138 3.79 3.54 26.40
CA VAL D 138 3.92 4.65 27.32
C VAL D 138 3.99 4.16 28.77
N GLY D 139 3.34 3.04 29.04
CA GLY D 139 3.33 2.48 30.39
C GLY D 139 4.54 1.60 30.64
N ARG D 140 5.73 2.17 30.47
CA ARG D 140 6.97 1.43 30.70
C ARG D 140 8.16 2.38 30.77
N GLU D 141 8.14 3.27 31.77
CA GLU D 141 9.22 4.22 31.96
C GLU D 141 10.53 3.51 32.29
N GLN D 142 10.42 2.38 32.98
CA GLN D 142 11.60 1.61 33.37
C GLN D 142 11.58 0.23 32.71
N PHE E 2 -5.22 -13.59 -20.50
CA PHE E 2 -3.81 -13.72 -20.15
C PHE E 2 -3.09 -14.65 -21.12
N THR E 3 -2.30 -14.05 -22.02
CA THR E 3 -1.54 -14.82 -23.00
C THR E 3 -0.05 -14.59 -22.85
N ASN E 4 0.73 -15.22 -23.72
CA ASN E 4 2.18 -15.07 -23.69
C ASN E 4 2.62 -13.78 -24.37
N VAL E 5 2.42 -12.66 -23.68
CA VAL E 5 2.79 -11.36 -24.22
C VAL E 5 3.99 -10.78 -23.49
N SER E 6 5.00 -10.36 -24.24
CA SER E 6 6.20 -9.77 -23.66
C SER E 6 5.85 -8.73 -22.61
N CYS E 7 6.81 -8.43 -21.73
CA CYS E 7 6.60 -7.44 -20.68
C CYS E 7 7.76 -6.45 -20.64
N THR E 8 7.48 -5.21 -21.04
CA THR E 8 8.50 -4.17 -21.04
C THR E 8 7.92 -2.83 -20.58
N THR E 9 6.78 -2.46 -21.14
CA THR E 9 6.12 -1.21 -20.78
C THR E 9 4.60 -1.38 -20.79
N SER E 10 3.91 -0.43 -20.17
CA SER E 10 2.46 -0.47 -20.09
C SER E 10 1.83 0.14 -21.34
N LYS E 11 2.44 1.22 -21.83
CA LYS E 11 1.94 1.91 -23.03
C LYS E 11 1.85 0.95 -24.20
N GLU E 12 2.79 0.01 -24.27
CA GLU E 12 2.81 -0.97 -25.35
C GLU E 12 1.92 -2.16 -25.03
N CYS E 13 1.82 -2.50 -23.74
CA CYS E 13 1.00 -3.62 -23.29
C CYS E 13 -0.42 -3.49 -23.84
N TRP E 14 -0.88 -2.26 -24.01
CA TRP E 14 -2.22 -2.02 -24.52
C TRP E 14 -2.30 -2.31 -26.01
N SER E 15 -1.39 -1.70 -26.78
CA SER E 15 -1.36 -1.89 -28.22
C SER E 15 -1.38 -3.39 -28.57
N VAL E 16 -0.75 -4.19 -27.72
CA VAL E 16 -0.70 -5.63 -27.93
C VAL E 16 -2.06 -6.28 -27.69
N CYS E 17 -2.74 -5.83 -26.64
CA CYS E 17 -4.06 -6.37 -26.31
C CYS E 17 -5.06 -6.10 -27.43
N GLN E 18 -5.08 -4.86 -27.90
CA GLN E 18 -5.99 -4.47 -28.97
C GLN E 18 -5.70 -5.25 -30.24
N ARG E 19 -4.41 -5.49 -30.49
CA ARG E 19 -4.00 -6.24 -31.68
C ARG E 19 -4.33 -7.71 -31.54
N LEU E 20 -4.02 -8.28 -30.38
CA LEU E 20 -4.28 -9.69 -30.13
C LEU E 20 -5.76 -10.02 -30.33
N HIS E 21 -6.61 -9.45 -29.46
CA HIS E 21 -8.05 -9.69 -29.55
C HIS E 21 -8.79 -8.39 -29.80
N ASN E 22 -8.94 -7.58 -28.75
CA ASN E 22 -9.64 -6.30 -28.84
C ASN E 22 -9.84 -5.69 -27.47
N THR E 23 -8.78 -5.64 -26.67
CA THR E 23 -8.84 -5.08 -25.33
C THR E 23 -7.64 -4.19 -25.05
N SER E 24 -7.65 -3.52 -23.91
CA SER E 24 -6.57 -2.63 -23.52
C SER E 24 -6.45 -2.54 -22.00
N ARG E 25 -5.50 -1.72 -21.54
CA ARG E 25 -5.29 -1.54 -20.11
C ARG E 25 -4.98 -2.87 -19.43
N GLY E 26 -3.72 -3.07 -19.09
CA GLY E 26 -3.31 -4.32 -18.44
C GLY E 26 -1.94 -4.22 -17.81
N LYS E 27 -1.85 -4.59 -16.54
CA LYS E 27 -0.57 -4.54 -15.82
C LYS E 27 0.43 -5.51 -16.43
N CYS E 28 1.69 -5.35 -16.05
CA CYS E 28 2.76 -6.21 -16.56
C CYS E 28 3.27 -7.15 -15.48
N MET E 29 3.33 -8.44 -15.81
CA MET E 29 3.79 -9.44 -14.87
C MET E 29 5.19 -9.94 -15.24
N ASN E 30 5.97 -10.29 -14.23
CA ASN E 30 7.33 -10.78 -14.45
C ASN E 30 7.35 -11.86 -15.52
N LYS E 31 6.27 -12.63 -15.61
CA LYS E 31 6.17 -13.69 -16.60
C LYS E 31 5.79 -13.14 -17.96
N LYS E 32 4.55 -12.67 -18.07
CA LYS E 32 4.05 -12.10 -19.33
C LYS E 32 2.96 -11.07 -19.07
N CYS E 33 2.90 -10.05 -19.91
CA CYS E 33 1.90 -9.01 -19.78
C CYS E 33 0.49 -9.58 -19.87
N ARG E 34 -0.36 -9.22 -18.91
CA ARG E 34 -1.74 -9.71 -18.89
C ARG E 34 -2.69 -8.66 -19.45
N CYS E 35 -3.63 -9.10 -20.29
CA CYS E 35 -4.59 -8.21 -20.89
C CYS E 35 -5.86 -8.12 -20.04
N TYR E 36 -6.46 -6.94 -20.01
CA TYR E 36 -7.67 -6.73 -19.23
C TYR E 36 -8.69 -5.91 -20.03
N SER E 37 -9.86 -5.68 -19.44
CA SER E 37 -10.92 -4.92 -20.09
C SER E 37 -11.02 -3.52 -19.51
#